data_3R02
#
_entry.id   3R02
#
_cell.length_a   97.170
_cell.length_b   97.170
_cell.length_c   81.190
_cell.angle_alpha   90.00
_cell.angle_beta   90.00
_cell.angle_gamma   120.00
#
_symmetry.space_group_name_H-M   'P 65'
#
loop_
_entity.id
_entity.type
_entity.pdbx_description
1 polymer 'Proto-oncogene serine/threonine-protein kinase pim-1'
2 non-polymer '7-[(cis-4-aminocyclohexyl)amino]-5-bromo-1-benzofuran-2-carboxylic acid'
3 non-polymer IMIDAZOLE
4 water water
#
_entity_poly.entity_id   1
_entity_poly.type   'polypeptide(L)'
_entity_poly.pdbx_seq_one_letter_code
;MKEKEPLESQYQVGPLLGSGGFGSVYSGIRVSDNLPVAIKHVEKDRISDWGELPNGTRVPMEVVLLKKVSSGFSGVIRLL
DWFERPDSFVLILERPEPVQDLFDFITERGALQEELARSFFWQVLEAVRHCHNCGVLHRDIKDENILIDLNRGELKLIDF
GSGALLKDTVYTDFDGTRVYSPPEWIRYHRYHGRSAAVWSLGILLYDMVCGDIPFEHDEEIIRGQVFFRQRVSSECQHLI
RWCLALRPSDRPTFEEIQNHPWMQDVLLPQETAEIHLHSLSPGPSKAAALEHHHHHHHH
;
_entity_poly.pdbx_strand_id   A
#
loop_
_chem_comp.id
_chem_comp.type
_chem_comp.name
_chem_comp.formula
IMD non-polymer IMIDAZOLE 'C3 H5 N2 1'
UNM non-polymer '7-[(cis-4-aminocyclohexyl)amino]-5-bromo-1-benzofuran-2-carboxylic acid' 'C15 H17 Br N2 O3'
#
# COMPACT_ATOMS: atom_id res chain seq x y z
N GLU A 8 -12.88 21.30 11.70
CA GLU A 8 -12.65 22.74 12.17
C GLU A 8 -13.09 22.99 13.67
N SER A 9 -14.39 23.00 13.93
CA SER A 9 -14.90 22.80 15.29
C SER A 9 -15.14 21.26 15.55
N GLN A 10 -15.15 20.46 14.48
CA GLN A 10 -15.38 19.04 14.64
C GLN A 10 -14.16 18.20 15.03
N TYR A 11 -12.94 18.76 14.88
CA TYR A 11 -11.71 17.98 15.02
C TYR A 11 -10.72 18.79 15.77
N GLN A 12 -10.07 18.18 16.74
CA GLN A 12 -8.88 18.80 17.33
C GLN A 12 -7.61 18.24 16.63
N VAL A 13 -6.67 19.15 16.27
CA VAL A 13 -5.49 18.77 15.42
C VAL A 13 -4.34 18.58 16.38
N GLY A 14 -3.61 17.47 16.22
CA GLY A 14 -2.37 17.30 16.95
C GLY A 14 -1.18 17.38 15.99
N PRO A 15 -0.15 16.55 16.24
CA PRO A 15 1.15 16.67 15.54
C PRO A 15 1.04 16.33 14.05
N LEU A 16 1.86 16.98 13.22
CA LEU A 16 2.09 16.56 11.87
C LEU A 16 2.72 15.15 11.91
N LEU A 17 2.11 14.18 11.23
CA LEU A 17 2.67 12.83 11.18
C LEU A 17 3.67 12.68 10.02
N GLY A 18 3.44 13.34 8.88
CA GLY A 18 4.39 13.27 7.75
C GLY A 18 3.91 14.14 6.62
N SER A 19 4.78 14.45 5.69
CA SER A 19 4.35 15.12 4.45
C SER A 19 5.18 14.64 3.30
N GLY A 20 4.71 14.86 2.09
CA GLY A 20 5.52 14.42 0.94
C GLY A 20 4.70 14.61 -0.30
N GLY A 21 4.87 13.71 -1.29
CA GLY A 21 4.15 13.87 -2.56
C GLY A 21 2.67 13.63 -2.35
N PHE A 22 2.29 13.03 -1.22
CA PHE A 22 0.84 12.82 -0.92
C PHE A 22 0.15 14.05 -0.27
N GLY A 23 0.92 15.06 0.10
CA GLY A 23 0.37 16.21 0.88
C GLY A 23 0.84 16.20 2.35
N SER A 24 0.00 16.62 3.32
CA SER A 24 0.50 16.67 4.69
C SER A 24 -0.54 16.00 5.55
N VAL A 25 -0.13 15.10 6.45
CA VAL A 25 -1.05 14.32 7.27
C VAL A 25 -0.82 14.65 8.76
N TYR A 26 -1.88 15.08 9.45
CA TYR A 26 -1.77 15.36 10.90
C TYR A 26 -2.53 14.29 11.72
N SER A 27 -2.11 14.10 12.95
CA SER A 27 -2.87 13.33 13.92
C SER A 27 -4.00 14.23 14.41
N GLY A 28 -5.17 13.67 14.68
CA GLY A 28 -6.27 14.46 15.23
C GLY A 28 -7.25 13.59 16.01
N ILE A 29 -8.24 14.25 16.58
CA ILE A 29 -9.27 13.59 17.36
C ILE A 29 -10.61 14.16 16.98
N ARG A 30 -11.55 13.28 16.73
CA ARG A 30 -12.89 13.71 16.46
C ARG A 30 -13.52 14.16 17.79
N VAL A 31 -13.87 15.42 17.86
CA VAL A 31 -14.27 16.02 19.16
C VAL A 31 -15.52 15.30 19.80
N SER A 32 -16.48 14.89 18.97
CA SER A 32 -17.74 14.39 19.55
C SER A 32 -17.51 13.12 20.38
N ASP A 33 -16.65 12.21 19.91
CA ASP A 33 -16.52 10.95 20.63
C ASP A 33 -15.10 10.58 20.98
N ASN A 34 -14.16 11.52 20.80
CA ASN A 34 -12.74 11.27 20.97
C ASN A 34 -12.12 10.20 20.02
N LEU A 35 -12.74 9.93 18.87
CA LEU A 35 -12.18 8.92 17.96
C LEU A 35 -10.83 9.47 17.42
N PRO A 36 -9.77 8.66 17.46
CA PRO A 36 -8.52 9.10 16.82
C PRO A 36 -8.73 9.16 15.31
N VAL A 37 -8.23 10.21 14.66
CA VAL A 37 -8.29 10.29 13.22
C VAL A 37 -6.97 10.77 12.64
N ALA A 38 -6.85 10.65 11.31
CA ALA A 38 -5.78 11.33 10.62
C ALA A 38 -6.41 12.33 9.73
N ILE A 39 -5.76 13.48 9.60
CA ILE A 39 -6.29 14.60 8.85
C ILE A 39 -5.34 14.92 7.72
N LYS A 40 -5.78 14.62 6.50
CA LYS A 40 -4.87 14.70 5.32
C LYS A 40 -5.25 15.82 4.38
N HIS A 41 -4.27 16.67 4.04
CA HIS A 41 -4.51 17.92 3.26
C HIS A 41 -3.87 17.69 1.90
N VAL A 42 -4.66 17.81 0.83
CA VAL A 42 -4.17 17.72 -0.55
C VAL A 42 -4.42 19.03 -1.28
N GLU A 43 -3.34 19.64 -1.78
CA GLU A 43 -3.47 20.89 -2.56
C GLU A 43 -4.15 20.67 -3.89
N LYS A 44 -5.17 21.48 -4.19
CA LYS A 44 -5.93 21.35 -5.48
C LYS A 44 -5.04 21.40 -6.70
N ASP A 45 -4.08 22.33 -6.74
CA ASP A 45 -3.27 22.39 -7.94
C ASP A 45 -2.21 21.29 -8.00
N ARG A 46 -2.25 20.31 -7.09
CA ARG A 46 -1.38 19.16 -7.17
C ARG A 46 -2.13 17.89 -7.55
N ILE A 47 -3.44 17.95 -7.71
CA ILE A 47 -4.26 16.79 -7.99
C ILE A 47 -4.31 16.58 -9.49
N SER A 48 -3.87 15.43 -10.01
CA SER A 48 -3.95 15.25 -11.49
C SER A 48 -5.26 14.66 -11.98
N ASP A 49 -5.91 13.77 -11.20
CA ASP A 49 -7.18 13.23 -11.65
C ASP A 49 -8.33 13.56 -10.76
N TRP A 50 -9.44 13.91 -11.40
CA TRP A 50 -10.61 14.29 -10.71
C TRP A 50 -11.65 13.32 -11.09
N GLY A 51 -12.55 13.08 -10.19
CA GLY A 51 -13.70 12.30 -10.52
C GLY A 51 -14.88 13.11 -10.08
N GLU A 52 -16.02 12.48 -10.17
CA GLU A 52 -17.20 13.13 -9.70
C GLU A 52 -18.05 12.18 -8.90
N LEU A 53 -18.79 12.76 -7.96
CA LEU A 53 -19.67 11.95 -7.16
C LEU A 53 -21.01 11.78 -7.92
N PRO A 54 -21.77 10.70 -7.61
CA PRO A 54 -23.17 10.57 -8.06
C PRO A 54 -24.03 11.79 -7.70
N ASN A 55 -23.85 12.90 -8.40
CA ASN A 55 -24.50 14.20 -8.10
C ASN A 55 -23.67 15.35 -8.67
N GLY A 56 -22.48 15.01 -9.15
CA GLY A 56 -21.62 15.93 -9.88
C GLY A 56 -20.74 16.87 -9.08
N THR A 57 -20.56 16.66 -7.78
CA THR A 57 -19.53 17.45 -7.10
C THR A 57 -18.23 16.97 -7.72
N ARG A 58 -17.36 17.89 -8.12
CA ARG A 58 -16.05 17.48 -8.57
C ARG A 58 -15.13 17.28 -7.35
N VAL A 59 -14.49 16.10 -7.28
CA VAL A 59 -13.56 15.77 -6.18
C VAL A 59 -12.24 15.11 -6.69
N PRO A 60 -11.20 15.07 -5.85
CA PRO A 60 -10.04 14.30 -6.23
C PRO A 60 -10.47 12.86 -6.55
N MET A 61 -9.87 12.26 -7.57
CA MET A 61 -10.06 10.79 -7.75
C MET A 61 -9.74 9.99 -6.44
N GLU A 62 -8.75 10.45 -5.68
CA GLU A 62 -8.44 9.81 -4.41
C GLU A 62 -9.68 9.61 -3.52
N VAL A 63 -10.57 10.60 -3.48
CA VAL A 63 -11.78 10.49 -2.70
C VAL A 63 -12.77 9.43 -3.30
N VAL A 64 -12.93 9.42 -4.64
CA VAL A 64 -13.74 8.38 -5.29
C VAL A 64 -13.20 6.98 -4.96
N LEU A 65 -11.89 6.81 -5.05
CA LEU A 65 -11.29 5.47 -4.84
C LEU A 65 -11.48 5.08 -3.39
N LEU A 66 -11.23 6.05 -2.49
CA LEU A 66 -11.44 5.74 -1.06
C LEU A 66 -12.89 5.32 -0.76
N LYS A 67 -13.85 6.02 -1.37
CA LYS A 67 -15.27 5.69 -1.10
C LYS A 67 -15.57 4.28 -1.64
N LYS A 68 -15.01 3.96 -2.82
CA LYS A 68 -15.19 2.58 -3.37
C LYS A 68 -14.67 1.45 -2.45
N VAL A 69 -13.52 1.66 -1.79
CA VAL A 69 -12.98 0.58 -0.94
C VAL A 69 -13.47 0.66 0.52
N SER A 70 -14.25 1.69 0.82
CA SER A 70 -14.62 2.01 2.15
C SER A 70 -15.47 0.84 2.71
N SER A 71 -15.05 0.28 3.83
CA SER A 71 -15.91 -0.72 4.50
C SER A 71 -15.34 -1.06 5.91
N GLY A 72 -16.09 -1.89 6.62
CA GLY A 72 -15.62 -2.45 7.89
C GLY A 72 -14.38 -3.32 7.75
N PHE A 73 -14.07 -3.79 6.52
CA PHE A 73 -12.88 -4.62 6.29
C PHE A 73 -11.61 -3.85 6.71
N SER A 74 -10.92 -4.35 7.67
CA SER A 74 -10.02 -3.49 8.24
C SER A 74 -8.66 -3.48 7.47
N GLY A 75 -8.51 -4.26 6.35
CA GLY A 75 -7.17 -4.22 5.71
C GLY A 75 -6.91 -2.97 4.84
N VAL A 76 -7.95 -2.18 4.55
CA VAL A 76 -7.82 -0.94 3.83
C VAL A 76 -8.26 0.24 4.75
N ILE A 77 -7.54 1.37 4.73
CA ILE A 77 -7.86 2.56 5.50
C ILE A 77 -9.32 2.98 5.19
N ARG A 78 -10.05 3.41 6.22
CA ARG A 78 -11.42 3.91 6.02
C ARG A 78 -11.45 5.45 5.89
N LEU A 79 -12.08 5.99 4.86
CA LEU A 79 -12.30 7.45 4.73
C LEU A 79 -13.51 7.77 5.59
N LEU A 80 -13.42 8.68 6.55
CA LEU A 80 -14.56 8.93 7.39
C LEU A 80 -15.36 10.17 6.98
N ASP A 81 -14.69 11.15 6.37
CA ASP A 81 -15.31 12.42 5.98
C ASP A 81 -14.34 13.16 5.10
N TRP A 82 -14.82 14.21 4.44
CA TRP A 82 -13.94 15.07 3.67
C TRP A 82 -14.57 16.47 3.58
N PHE A 83 -13.74 17.47 3.33
CA PHE A 83 -14.20 18.84 3.21
C PHE A 83 -13.44 19.45 2.02
N GLU A 84 -14.06 20.42 1.38
CA GLU A 84 -13.39 21.20 0.33
C GLU A 84 -13.07 22.61 0.92
N ARG A 85 -11.88 23.12 0.65
CA ARG A 85 -11.45 24.45 1.06
C ARG A 85 -11.09 25.19 -0.21
N PRO A 86 -10.81 26.51 -0.12
CA PRO A 86 -10.52 27.21 -1.41
C PRO A 86 -9.40 26.60 -2.26
N ASP A 87 -8.29 26.14 -1.63
CA ASP A 87 -7.16 25.67 -2.39
C ASP A 87 -6.82 24.21 -2.09
N SER A 88 -7.70 23.46 -1.39
CA SER A 88 -7.32 22.10 -0.93
C SER A 88 -8.59 21.31 -0.58
N PHE A 89 -8.45 20.00 -0.48
CA PHE A 89 -9.41 19.14 0.16
C PHE A 89 -8.77 18.60 1.39
N VAL A 90 -9.60 18.34 2.39
CA VAL A 90 -9.16 17.76 3.61
C VAL A 90 -9.91 16.43 3.80
N LEU A 91 -9.14 15.36 3.98
CA LEU A 91 -9.68 14.04 4.14
C LEU A 91 -9.57 13.62 5.59
N ILE A 92 -10.67 13.11 6.17
CA ILE A 92 -10.60 12.59 7.54
C ILE A 92 -10.53 11.04 7.48
N LEU A 93 -9.42 10.46 7.96
CA LEU A 93 -9.21 9.03 7.80
C LEU A 93 -9.10 8.41 9.18
N GLU A 94 -9.37 7.12 9.21
CA GLU A 94 -9.10 6.33 10.38
C GLU A 94 -7.68 6.39 10.90
N ARG A 95 -7.50 6.33 12.20
CA ARG A 95 -6.13 6.28 12.77
C ARG A 95 -6.09 5.22 13.82
N PRO A 96 -5.41 4.12 13.56
CA PRO A 96 -5.18 3.12 14.68
C PRO A 96 -4.17 3.68 15.67
N GLU A 97 -4.21 3.16 16.87
CA GLU A 97 -3.43 3.77 17.95
C GLU A 97 -3.08 2.70 18.97
N PRO A 98 -1.80 2.38 19.18
CA PRO A 98 -0.57 2.89 18.59
C PRO A 98 -0.42 2.37 17.17
N VAL A 99 0.28 3.11 16.35
CA VAL A 99 0.42 2.70 14.91
C VAL A 99 1.89 2.93 14.54
N GLN A 100 2.43 2.22 13.56
CA GLN A 100 3.75 2.53 12.98
C GLN A 100 3.70 2.07 11.49
N ASP A 101 4.20 2.89 10.55
CA ASP A 101 4.18 2.38 9.17
C ASP A 101 5.22 1.28 8.99
N LEU A 102 5.05 0.48 7.96
CA LEU A 102 5.94 -0.64 7.80
C LEU A 102 7.36 -0.18 7.42
N PHE A 103 7.51 0.94 6.70
CA PHE A 103 8.88 1.46 6.40
C PHE A 103 9.65 1.70 7.75
N ASP A 104 8.98 2.36 8.69
CA ASP A 104 9.64 2.66 10.02
C ASP A 104 9.90 1.38 10.83
N PHE A 105 8.94 0.46 10.77
CA PHE A 105 9.10 -0.80 11.44
C PHE A 105 10.36 -1.55 10.95
N ILE A 106 10.52 -1.56 9.61
CA ILE A 106 11.67 -2.18 8.98
C ILE A 106 12.96 -1.38 9.27
N THR A 107 12.88 -0.08 9.27
CA THR A 107 14.05 0.65 9.75
C THR A 107 14.46 0.18 11.13
N GLU A 108 13.51 -0.09 12.03
CA GLU A 108 13.88 -0.35 13.41
C GLU A 108 14.32 -1.76 13.61
N ARG A 109 13.64 -2.67 12.94
CA ARG A 109 13.84 -4.09 13.24
C ARG A 109 14.83 -4.72 12.27
N GLY A 110 15.12 -4.08 11.13
CA GLY A 110 15.89 -4.73 10.02
C GLY A 110 15.04 -5.76 9.24
N ALA A 111 15.71 -6.72 8.62
CA ALA A 111 15.06 -7.83 7.87
C ALA A 111 14.16 -8.59 8.83
N LEU A 112 12.92 -8.92 8.39
CA LEU A 112 11.95 -9.60 9.26
C LEU A 112 12.05 -11.10 9.24
N GLN A 113 11.86 -11.77 10.39
CA GLN A 113 11.78 -13.22 10.39
C GLN A 113 10.65 -13.64 9.38
N GLU A 114 10.87 -14.73 8.68
CA GLU A 114 9.89 -15.13 7.65
C GLU A 114 8.47 -15.31 8.19
N GLU A 115 8.32 -15.88 9.38
CA GLU A 115 6.98 -16.06 9.94
C GLU A 115 6.23 -14.71 10.03
N LEU A 116 6.99 -13.68 10.39
CA LEU A 116 6.43 -12.34 10.47
C LEU A 116 6.16 -11.77 9.10
N ALA A 117 7.13 -11.88 8.20
CA ALA A 117 6.86 -11.46 6.79
C ALA A 117 5.69 -12.14 6.21
N ARG A 118 5.53 -13.43 6.52
CA ARG A 118 4.43 -14.22 5.93
C ARG A 118 3.09 -13.62 6.38
N SER A 119 2.98 -13.37 7.68
CA SER A 119 1.71 -12.82 8.21
C SER A 119 1.46 -11.45 7.59
N PHE A 120 2.48 -10.56 7.54
CA PHE A 120 2.22 -9.25 6.98
C PHE A 120 1.90 -9.32 5.50
N PHE A 121 2.69 -10.13 4.77
CA PHE A 121 2.49 -10.22 3.28
C PHE A 121 1.11 -10.77 3.00
N TRP A 122 0.68 -11.75 3.77
CA TRP A 122 -0.66 -12.37 3.53
C TRP A 122 -1.72 -11.27 3.70
N GLN A 123 -1.58 -10.48 4.77
CA GLN A 123 -2.59 -9.45 4.97
C GLN A 123 -2.57 -8.37 3.87
N VAL A 124 -1.38 -8.05 3.33
CA VAL A 124 -1.34 -7.07 2.28
C VAL A 124 -2.04 -7.70 1.03
N LEU A 125 -1.78 -8.98 0.76
CA LEU A 125 -2.52 -9.61 -0.34
C LEU A 125 -4.07 -9.50 -0.17
N GLU A 126 -4.58 -9.77 1.03
CA GLU A 126 -6.08 -9.76 1.22
C GLU A 126 -6.50 -8.31 0.95
N ALA A 127 -5.70 -7.34 1.44
CA ALA A 127 -6.07 -5.88 1.27
C ALA A 127 -6.12 -5.46 -0.24
N VAL A 128 -5.12 -5.93 -0.98
CA VAL A 128 -5.00 -5.53 -2.40
C VAL A 128 -6.16 -6.25 -3.13
N ARG A 129 -6.44 -7.50 -2.75
CA ARG A 129 -7.56 -8.19 -3.41
C ARG A 129 -8.85 -7.43 -3.17
N HIS A 130 -9.06 -6.98 -1.93
CA HIS A 130 -10.26 -6.15 -1.62
C HIS A 130 -10.33 -4.87 -2.55
N CYS A 131 -9.21 -4.17 -2.65
CA CYS A 131 -9.16 -3.03 -3.64
C CYS A 131 -9.64 -3.48 -5.02
N HIS A 132 -9.01 -4.49 -5.61
CA HIS A 132 -9.40 -4.96 -6.93
C HIS A 132 -10.87 -5.43 -7.00
N ASN A 133 -11.37 -6.12 -5.96
CA ASN A 133 -12.82 -6.51 -5.98
C ASN A 133 -13.71 -5.27 -6.00
N CYS A 134 -13.23 -4.16 -5.42
CA CYS A 134 -14.03 -2.95 -5.37
C CYS A 134 -13.79 -2.09 -6.61
N GLY A 135 -13.03 -2.58 -7.60
CA GLY A 135 -12.82 -1.78 -8.91
C GLY A 135 -11.66 -0.74 -8.80
N VAL A 136 -10.73 -0.90 -7.84
CA VAL A 136 -9.71 0.14 -7.55
C VAL A 136 -8.33 -0.47 -7.63
N LEU A 137 -7.46 0.19 -8.38
CA LEU A 137 -6.05 -0.22 -8.52
C LEU A 137 -5.19 0.79 -7.72
N HIS A 138 -4.43 0.31 -6.75
CA HIS A 138 -3.78 1.32 -5.83
C HIS A 138 -2.55 2.03 -6.50
N ARG A 139 -1.68 1.26 -7.18
CA ARG A 139 -0.54 1.78 -7.98
C ARG A 139 0.62 2.33 -7.12
N ASP A 140 0.49 2.21 -5.85
CA ASP A 140 1.68 2.62 -5.00
C ASP A 140 1.90 1.75 -3.77
N ILE A 141 1.77 0.42 -3.95
CA ILE A 141 1.99 -0.51 -2.85
C ILE A 141 3.46 -0.47 -2.43
N LYS A 142 3.76 -0.08 -1.18
CA LYS A 142 5.18 -0.12 -0.74
C LYS A 142 5.14 0.01 0.79
N ASP A 143 6.28 -0.20 1.48
CA ASP A 143 6.21 -0.22 2.94
C ASP A 143 5.74 1.13 3.54
N GLU A 144 6.04 2.25 2.86
CA GLU A 144 5.63 3.56 3.39
C GLU A 144 4.11 3.73 3.40
N ASN A 145 3.41 2.93 2.58
CA ASN A 145 1.94 3.05 2.48
C ASN A 145 1.18 1.95 3.16
N ILE A 146 1.81 1.33 4.13
CA ILE A 146 1.20 0.27 4.93
C ILE A 146 1.34 0.61 6.41
N LEU A 147 0.25 0.63 7.13
CA LEU A 147 0.28 0.97 8.57
C LEU A 147 0.09 -0.34 9.33
N ILE A 148 0.75 -0.41 10.46
CA ILE A 148 0.60 -1.59 11.33
C ILE A 148 -0.08 -1.13 12.62
N ASP A 149 -1.28 -1.71 12.87
CA ASP A 149 -2.02 -1.52 14.10
C ASP A 149 -1.31 -2.46 15.07
N LEU A 150 -0.44 -1.86 15.89
CA LEU A 150 0.48 -2.59 16.76
C LEU A 150 -0.27 -3.41 17.84
N ASN A 151 -1.41 -2.99 18.33
CA ASN A 151 -2.08 -3.80 19.40
C ASN A 151 -2.74 -5.07 18.76
N ARG A 152 -3.24 -4.93 17.54
CA ARG A 152 -4.02 -6.04 16.93
C ARG A 152 -3.25 -6.87 15.90
N GLY A 153 -2.08 -6.37 15.50
CA GLY A 153 -1.24 -7.05 14.51
C GLY A 153 -1.92 -6.98 13.13
N GLU A 154 -2.76 -5.98 12.92
CA GLU A 154 -3.45 -5.81 11.61
C GLU A 154 -2.78 -4.75 10.77
N LEU A 155 -2.60 -5.02 9.46
CA LEU A 155 -2.00 -4.05 8.54
C LEU A 155 -3.09 -3.35 7.75
N LYS A 156 -2.85 -2.10 7.33
CA LYS A 156 -3.87 -1.29 6.63
C LYS A 156 -3.16 -0.63 5.47
N LEU A 157 -3.68 -0.82 4.26
CA LEU A 157 -3.17 -0.13 3.11
C LEU A 157 -3.68 1.29 3.10
N ILE A 158 -2.78 2.24 2.91
CA ILE A 158 -3.17 3.66 2.87
C ILE A 158 -2.62 4.39 1.60
N ASP A 159 -3.03 5.66 1.47
CA ASP A 159 -2.67 6.57 0.37
C ASP A 159 -3.02 6.05 -1.02
N PHE A 160 -4.23 6.34 -1.41
CA PHE A 160 -4.75 6.10 -2.73
C PHE A 160 -4.55 7.27 -3.68
N GLY A 161 -3.65 8.18 -3.32
CA GLY A 161 -3.48 9.38 -4.20
C GLY A 161 -2.74 9.14 -5.53
N SER A 162 -2.19 7.94 -5.75
CA SER A 162 -1.64 7.52 -7.07
C SER A 162 -2.52 6.51 -7.79
N GLY A 163 -3.67 6.19 -7.22
CA GLY A 163 -4.52 5.10 -7.70
C GLY A 163 -5.34 5.42 -8.94
N ALA A 164 -6.06 4.39 -9.47
CA ALA A 164 -6.91 4.59 -10.65
C ALA A 164 -8.07 3.60 -10.49
N LEU A 165 -9.17 3.86 -11.20
CA LEU A 165 -10.13 2.81 -11.47
C LEU A 165 -9.42 1.60 -12.12
N LEU A 166 -9.72 0.39 -11.60
CA LEU A 166 -9.15 -0.85 -12.21
C LEU A 166 -9.75 -1.05 -13.61
N LYS A 167 -8.93 -1.31 -14.61
CA LYS A 167 -9.48 -1.59 -15.93
C LYS A 167 -8.65 -2.78 -16.49
N ASP A 168 -9.10 -3.37 -17.58
CA ASP A 168 -8.38 -4.60 -18.14
C ASP A 168 -7.49 -4.22 -19.31
N THR A 169 -7.48 -2.93 -19.68
CA THR A 169 -6.69 -2.48 -20.84
C THR A 169 -5.40 -1.84 -20.29
N VAL A 170 -4.57 -1.31 -21.17
CA VAL A 170 -3.19 -0.93 -20.78
C VAL A 170 -3.26 0.45 -20.12
N TYR A 171 -2.42 0.70 -19.14
CA TYR A 171 -2.29 2.02 -18.57
C TYR A 171 -1.07 2.61 -19.22
N THR A 172 -1.13 3.91 -19.54
CA THR A 172 0.04 4.56 -20.17
C THR A 172 0.51 5.77 -19.33
N ASP A 173 -0.06 5.92 -18.15
CA ASP A 173 0.36 6.96 -17.17
C ASP A 173 0.70 6.27 -15.85
N PHE A 174 1.58 6.90 -15.06
CA PHE A 174 1.93 6.34 -13.76
C PHE A 174 2.59 7.43 -12.94
N ASP A 175 2.19 7.61 -11.69
CA ASP A 175 2.85 8.58 -10.83
C ASP A 175 3.03 8.00 -9.39
N GLY A 176 3.16 6.68 -9.28
CA GLY A 176 3.52 6.04 -7.98
C GLY A 176 5.06 5.99 -7.82
N THR A 177 5.59 4.97 -7.17
CA THR A 177 7.03 5.08 -6.78
C THR A 177 7.82 4.31 -7.82
N ARG A 178 8.75 4.99 -8.49
CA ARG A 178 9.54 4.32 -9.53
C ARG A 178 10.27 3.00 -9.16
N VAL A 179 10.92 2.93 -7.98
CA VAL A 179 11.68 1.67 -7.61
C VAL A 179 10.77 0.48 -7.31
N TYR A 180 9.46 0.71 -7.25
CA TYR A 180 8.47 -0.41 -7.13
C TYR A 180 7.76 -0.66 -8.46
N SER A 181 8.12 0.10 -9.49
CA SER A 181 7.42 -0.03 -10.78
C SER A 181 8.06 -1.07 -11.66
N PRO A 182 7.26 -1.71 -12.58
CA PRO A 182 7.77 -2.84 -13.32
C PRO A 182 8.57 -2.48 -14.57
N PRO A 183 9.29 -3.46 -15.10
CA PRO A 183 10.21 -3.16 -16.19
C PRO A 183 9.50 -2.68 -17.44
N GLU A 184 8.26 -3.15 -17.68
CA GLU A 184 7.47 -2.67 -18.84
C GLU A 184 7.11 -1.17 -18.69
N TRP A 185 6.88 -0.70 -17.48
CA TRP A 185 6.70 0.75 -17.28
C TRP A 185 8.07 1.49 -17.61
N ILE A 186 9.16 1.02 -17.02
CA ILE A 186 10.46 1.65 -17.30
C ILE A 186 10.78 1.70 -18.82
N ARG A 187 10.64 0.59 -19.48
CA ARG A 187 10.97 0.52 -20.92
C ARG A 187 9.96 1.15 -21.86
N TYR A 188 8.66 0.92 -21.63
CA TYR A 188 7.67 1.20 -22.70
C TYR A 188 6.65 2.23 -22.25
N HIS A 189 6.68 2.58 -20.96
CA HIS A 189 5.62 3.42 -20.41
C HIS A 189 4.23 2.75 -20.63
N ARG A 190 4.14 1.43 -20.42
CA ARG A 190 2.87 0.71 -20.59
C ARG A 190 2.85 -0.37 -19.55
N TYR A 191 1.71 -0.60 -18.88
CA TYR A 191 1.61 -1.77 -17.99
C TYR A 191 0.14 -2.11 -17.88
N HIS A 192 -0.14 -3.38 -17.49
CA HIS A 192 -1.50 -3.78 -17.10
C HIS A 192 -1.56 -3.72 -15.59
N GLY A 193 -2.73 -3.43 -15.06
CA GLY A 193 -2.79 -3.11 -13.58
C GLY A 193 -2.36 -4.26 -12.66
N ARG A 194 -2.89 -5.48 -12.93
CA ARG A 194 -2.68 -6.59 -11.99
C ARG A 194 -1.26 -7.09 -11.99
N SER A 195 -0.69 -7.25 -13.19
CA SER A 195 0.68 -7.76 -13.20
C SER A 195 1.67 -6.67 -12.68
N ALA A 196 1.37 -5.40 -12.92
CA ALA A 196 2.23 -4.34 -12.27
C ALA A 196 2.08 -4.41 -10.74
N ALA A 197 0.84 -4.65 -10.26
CA ALA A 197 0.65 -4.74 -8.80
C ALA A 197 1.49 -5.92 -8.22
N VAL A 198 1.47 -7.07 -8.89
CA VAL A 198 2.18 -8.26 -8.38
C VAL A 198 3.68 -7.99 -8.42
N TRP A 199 4.18 -7.33 -9.48
CA TRP A 199 5.61 -6.91 -9.40
C TRP A 199 5.91 -6.06 -8.15
N SER A 200 5.09 -5.04 -7.85
CA SER A 200 5.35 -4.25 -6.67
C SER A 200 5.26 -5.11 -5.41
N LEU A 201 4.41 -6.14 -5.42
CA LEU A 201 4.34 -7.04 -4.22
C LEU A 201 5.62 -7.88 -4.09
N GLY A 202 6.20 -8.31 -5.23
CA GLY A 202 7.55 -8.94 -5.22
C GLY A 202 8.60 -8.03 -4.56
N ILE A 203 8.59 -6.79 -4.95
CA ILE A 203 9.52 -5.78 -4.35
C ILE A 203 9.27 -5.66 -2.84
N LEU A 204 8.00 -5.50 -2.50
CA LEU A 204 7.65 -5.42 -1.07
C LEU A 204 8.02 -6.66 -0.24
N LEU A 205 7.81 -7.85 -0.78
CA LEU A 205 8.19 -9.02 -0.02
C LEU A 205 9.75 -9.12 0.13
N TYR A 206 10.50 -8.84 -0.93
CA TYR A 206 11.98 -8.79 -0.79
C TYR A 206 12.36 -7.74 0.32
N ASP A 207 11.73 -6.55 0.27
CA ASP A 207 11.99 -5.54 1.31
C ASP A 207 11.73 -6.07 2.73
N MET A 208 10.63 -6.79 2.95
CA MET A 208 10.44 -7.33 4.27
C MET A 208 11.50 -8.32 4.67
N VAL A 209 11.80 -9.29 3.79
CA VAL A 209 12.71 -10.36 4.25
C VAL A 209 14.19 -10.01 4.18
N CYS A 210 14.54 -8.99 3.40
CA CYS A 210 15.96 -8.56 3.34
C CYS A 210 16.17 -7.24 4.07
N GLY A 211 15.11 -6.48 4.43
CA GLY A 211 15.33 -5.20 5.15
C GLY A 211 15.54 -4.00 4.23
N ASP A 212 15.56 -4.19 2.91
CA ASP A 212 15.54 -3.04 1.99
C ASP A 212 15.10 -3.55 0.59
N ILE A 213 14.76 -2.63 -0.32
CA ILE A 213 14.30 -3.03 -1.63
C ILE A 213 15.47 -3.58 -2.51
N PRO A 214 15.16 -4.44 -3.53
CA PRO A 214 16.27 -5.05 -4.28
C PRO A 214 16.90 -4.10 -5.29
N PHE A 215 16.10 -3.14 -5.81
CA PHE A 215 16.54 -2.33 -7.02
C PHE A 215 16.49 -0.86 -6.73
N GLU A 216 17.58 -0.14 -7.01
CA GLU A 216 17.58 1.31 -6.83
C GLU A 216 17.63 2.03 -8.20
N HIS A 217 17.94 1.32 -9.28
CA HIS A 217 18.23 1.95 -10.59
C HIS A 217 17.37 1.30 -11.68
N ASP A 218 16.93 2.10 -12.64
CA ASP A 218 16.34 1.60 -13.85
C ASP A 218 17.04 0.34 -14.46
N GLU A 219 18.35 0.44 -14.62
CA GLU A 219 19.12 -0.65 -15.17
C GLU A 219 18.85 -1.99 -14.43
N GLU A 220 18.73 -1.90 -13.12
CA GLU A 220 18.52 -3.11 -12.28
C GLU A 220 17.12 -3.64 -12.46
N ILE A 221 16.15 -2.75 -12.53
CA ILE A 221 14.72 -3.16 -12.68
C ILE A 221 14.54 -3.92 -14.02
N ILE A 222 15.12 -3.36 -15.07
CA ILE A 222 15.00 -3.88 -16.39
C ILE A 222 15.73 -5.21 -16.54
N ARG A 223 16.85 -5.37 -15.80
CA ARG A 223 17.58 -6.64 -15.90
C ARG A 223 16.83 -7.77 -15.17
N GLY A 224 16.19 -7.44 -14.07
CA GLY A 224 15.37 -8.39 -13.32
C GLY A 224 16.14 -9.49 -12.58
N GLN A 225 17.46 -9.34 -12.45
CA GLN A 225 18.25 -10.35 -11.74
C GLN A 225 18.15 -9.98 -10.21
N VAL A 226 17.85 -10.96 -9.36
CA VAL A 226 17.56 -10.73 -7.93
C VAL A 226 18.67 -11.44 -7.12
N PHE A 227 19.39 -10.70 -6.30
CA PHE A 227 20.44 -11.23 -5.42
CA PHE A 227 20.39 -11.27 -5.43
C PHE A 227 19.94 -11.05 -3.98
N PHE A 228 20.03 -12.12 -3.17
CA PHE A 228 19.66 -12.07 -1.76
C PHE A 228 20.86 -11.85 -0.89
N ARG A 229 20.79 -10.79 -0.09
CA ARG A 229 21.89 -10.32 0.71
C ARG A 229 21.67 -10.79 2.20
N GLN A 230 20.55 -11.45 2.45
CA GLN A 230 20.31 -12.05 3.75
C GLN A 230 19.93 -13.50 3.50
N ARG A 231 19.98 -14.29 4.54
CA ARG A 231 19.60 -15.67 4.43
C ARG A 231 18.08 -15.76 4.32
N VAL A 232 17.58 -16.24 3.21
CA VAL A 232 16.12 -16.33 2.95
C VAL A 232 15.84 -17.73 2.42
N SER A 233 14.79 -18.38 2.93
CA SER A 233 14.46 -19.73 2.52
C SER A 233 14.28 -19.81 1.00
N SER A 234 14.55 -21.02 0.46
CA SER A 234 14.36 -21.22 -0.98
C SER A 234 12.90 -21.01 -1.43
N GLU A 235 11.95 -21.37 -0.60
CA GLU A 235 10.51 -21.18 -0.97
C GLU A 235 10.20 -19.68 -1.05
N CYS A 236 10.69 -18.91 -0.07
CA CYS A 236 10.40 -17.45 -0.11
C CYS A 236 11.14 -16.89 -1.31
N GLN A 237 12.39 -17.33 -1.57
CA GLN A 237 13.12 -16.73 -2.76
C GLN A 237 12.39 -17.09 -4.06
N HIS A 238 11.86 -18.33 -4.18
CA HIS A 238 11.14 -18.71 -5.42
C HIS A 238 9.92 -17.79 -5.65
N LEU A 239 9.15 -17.51 -4.57
CA LEU A 239 7.95 -16.66 -4.72
C LEU A 239 8.33 -15.21 -5.18
N ILE A 240 9.39 -14.66 -4.53
CA ILE A 240 9.81 -13.32 -4.89
C ILE A 240 10.21 -13.36 -6.38
N ARG A 241 11.05 -14.33 -6.78
CA ARG A 241 11.55 -14.31 -8.15
C ARG A 241 10.37 -14.53 -9.12
N TRP A 242 9.34 -15.26 -8.68
CA TRP A 242 8.15 -15.46 -9.59
C TRP A 242 7.37 -14.09 -9.80
N CYS A 243 7.12 -13.38 -8.67
CA CYS A 243 6.46 -12.05 -8.69
C CYS A 243 7.27 -11.08 -9.52
N LEU A 244 8.60 -11.25 -9.54
CA LEU A 244 9.50 -10.38 -10.31
C LEU A 244 9.89 -10.90 -11.70
N ALA A 245 9.04 -11.80 -12.28
CA ALA A 245 9.26 -12.28 -13.61
C ALA A 245 9.29 -11.11 -14.55
N LEU A 246 10.21 -11.13 -15.55
CA LEU A 246 10.35 -10.04 -16.49
C LEU A 246 9.07 -9.89 -17.39
N ARG A 247 8.56 -11.02 -17.88
CA ARG A 247 7.36 -10.96 -18.72
C ARG A 247 6.12 -10.87 -17.83
N PRO A 248 5.26 -9.91 -18.10
CA PRO A 248 4.16 -9.75 -17.14
C PRO A 248 3.26 -11.01 -17.01
N SER A 249 2.98 -11.69 -18.12
CA SER A 249 2.10 -12.90 -18.06
C SER A 249 2.84 -14.11 -17.39
N ASP A 250 4.13 -14.04 -17.12
CA ASP A 250 4.83 -15.08 -16.35
C ASP A 250 4.69 -14.87 -14.79
N ARG A 251 4.08 -13.75 -14.35
CA ARG A 251 3.90 -13.47 -12.92
C ARG A 251 2.70 -14.23 -12.38
N PRO A 252 2.70 -14.54 -11.06
CA PRO A 252 1.55 -15.31 -10.53
C PRO A 252 0.32 -14.42 -10.39
N THR A 253 -0.89 -15.00 -10.41
CA THR A 253 -2.10 -14.29 -9.97
C THR A 253 -2.10 -14.24 -8.46
N PHE A 254 -3.03 -13.45 -7.88
CA PHE A 254 -3.12 -13.45 -6.42
C PHE A 254 -3.43 -14.82 -5.87
N GLU A 255 -4.28 -15.60 -6.56
CA GLU A 255 -4.56 -16.98 -6.15
C GLU A 255 -3.29 -17.81 -6.15
N GLU A 256 -2.46 -17.70 -7.16
CA GLU A 256 -1.24 -18.50 -7.16
C GLU A 256 -0.23 -18.12 -6.05
N ILE A 257 -0.17 -16.82 -5.71
CA ILE A 257 0.70 -16.36 -4.62
C ILE A 257 0.16 -16.96 -3.34
N GLN A 258 -1.15 -16.80 -3.10
CA GLN A 258 -1.62 -17.28 -1.78
C GLN A 258 -1.64 -18.84 -1.69
N ASN A 259 -1.56 -19.56 -2.82
CA ASN A 259 -1.48 -21.00 -2.75
C ASN A 259 -0.04 -21.47 -2.81
N HIS A 260 0.90 -20.52 -2.84
CA HIS A 260 2.31 -20.91 -2.95
C HIS A 260 2.74 -21.60 -1.62
N PRO A 261 3.67 -22.56 -1.69
CA PRO A 261 4.07 -23.28 -0.45
C PRO A 261 4.59 -22.36 0.69
N TRP A 262 5.24 -21.26 0.35
CA TRP A 262 5.79 -20.38 1.40
C TRP A 262 4.65 -19.68 2.17
N MET A 263 3.45 -19.55 1.55
CA MET A 263 2.33 -18.86 2.23
C MET A 263 1.45 -19.76 3.16
N GLN A 264 1.78 -21.00 3.32
CA GLN A 264 0.83 -21.89 4.04
C GLN A 264 0.99 -21.66 5.57
N ASP A 265 -0.03 -21.93 6.39
CA ASP A 265 0.05 -21.85 7.86
C ASP A 265 0.33 -20.45 8.41
N VAL A 266 -0.30 -19.42 7.85
CA VAL A 266 -0.10 -18.06 8.27
C VAL A 266 -0.63 -17.84 9.65
N LEU A 267 0.02 -17.00 10.41
CA LEU A 267 -0.49 -16.66 11.76
C LEU A 267 -1.73 -15.77 11.60
N LEU A 268 -2.61 -15.79 12.62
CA LEU A 268 -3.71 -14.85 12.71
C LEU A 268 -3.08 -13.47 13.10
N PRO A 269 -3.75 -12.35 12.78
CA PRO A 269 -3.18 -11.04 13.12
C PRO A 269 -2.95 -10.93 14.63
N GLN A 270 -3.96 -11.32 15.47
CA GLN A 270 -3.74 -11.27 16.97
C GLN A 270 -2.49 -12.08 17.44
N GLU A 271 -2.35 -13.27 16.89
CA GLU A 271 -1.21 -14.14 17.25
C GLU A 271 0.07 -13.47 16.81
N THR A 272 0.04 -12.83 15.63
CA THR A 272 1.22 -12.10 15.13
C THR A 272 1.56 -10.98 16.14
N ALA A 273 0.58 -10.24 16.64
CA ALA A 273 0.93 -9.14 17.61
C ALA A 273 1.53 -9.79 18.91
N GLU A 274 0.90 -10.86 19.38
CA GLU A 274 1.35 -11.46 20.63
C GLU A 274 2.82 -11.98 20.50
N ILE A 275 3.15 -12.63 19.38
CA ILE A 275 4.45 -13.32 19.21
C ILE A 275 5.49 -12.28 18.82
N HIS A 276 5.14 -11.34 17.94
CA HIS A 276 6.16 -10.46 17.37
C HIS A 276 6.13 -9.00 17.72
N LEU A 277 4.99 -8.47 18.15
CA LEU A 277 4.88 -7.05 18.41
C LEU A 277 4.76 -6.74 19.93
N HIS A 278 4.66 -7.76 20.77
CA HIS A 278 4.74 -7.59 22.23
C HIS A 278 5.12 -8.90 22.90
C01 UNM B . -2.43 7.70 9.28
C02 UNM B . -3.25 7.63 7.09
C03 UNM B . -3.49 7.36 8.46
C04 UNM B . -2.06 8.23 6.67
C05 UNM B . -1.19 8.21 8.92
C06 UNM B . -0.99 8.51 7.53
O07 UNM B . -2.04 8.50 5.36
C08 UNM B . -4.08 7.54 5.92
C09 UNM B . -3.24 8.07 4.94
C10 UNM B . -3.45 8.17 3.53
O11 UNM B . -2.55 8.70 2.82
O12 UNM B . -4.55 7.60 3.02
BR13 UNM B . -2.57 7.26 11.22
C14 UNM B . 1.43 9.27 7.99
C15 UNM B . 2.07 7.89 8.44
C16 UNM B . 2.57 7.08 7.20
C17 UNM B . 3.70 7.79 6.36
C18 UNM B . 3.15 9.24 5.98
C19 UNM B . 2.52 9.99 7.17
N20 UNM B . 4.25 7.01 5.24
N21 UNM B . 0.20 9.10 7.12
N1 IMD C . 12.65 0.25 4.31
C2 IMD C . 12.91 0.84 5.48
N3 IMD C . 14.26 1.13 5.53
C4 IMD C . 14.85 0.73 4.39
C5 IMD C . 13.83 0.18 3.65
N1 IMD D . 11.56 8.19 5.67
C2 IMD D . 10.28 7.74 5.37
N3 IMD D . 10.22 7.63 3.99
C4 IMD D . 11.41 8.02 3.41
C5 IMD D . 12.26 8.37 4.49
N1 IMD E . 12.67 4.43 -1.88
C2 IMD E . 13.89 3.78 -2.04
N3 IMD E . 14.57 4.36 -3.06
C4 IMD E . 13.76 5.37 -3.55
C5 IMD E . 12.52 5.42 -2.87
#